data_5U4S
#
_entry.id   5U4S
#
_cell.length_a   39.270
_cell.length_b   75.660
_cell.length_c   146.010
_cell.angle_alpha   90.000
_cell.angle_beta   90.000
_cell.angle_gamma   90.000
#
_symmetry.space_group_name_H-M   'P 21 21 21'
#
loop_
_entity.id
_entity.type
_entity.pdbx_description
1 polymer 'Putative short chain dehydrogenase'
2 non-polymer 'NADP NICOTINAMIDE-ADENINE-DINUCLEOTIDE PHOSPHATE'
3 non-polymer 'BENZOIC ACID'
4 non-polymer 'PHOSPHATE ION'
5 water water
#
_entity_poly.entity_id   1
_entity_poly.type   'polypeptide(L)'
_entity_poly.pdbx_seq_one_letter_code
;MAHHHHHHMQIEGCVACVTGADRGLGAGLLEALLERGARKVYAGVRKKECLSDVGPRVVPVEIDITNVEQVARAASRAKD
ITLLINNAGLNRMQPVLEAHDPEAARAEMEVNYFGTLNMMRAFSPALKSNGGAIINVLSILARVALPSMASLSASKAAAL
RMTEGARAELAPHRVRVISVLPGPIDTEMSRNVPPPKIAVREAVDAVLAALEGGADEVYMGAMAQEIAQGLAADRQALHA
RLLTP
;
_entity_poly.pdbx_strand_id   A,B
#
# COMPACT_ATOMS: atom_id res chain seq x y z
N MET A 9 -1.36 28.34 -9.03
CA MET A 9 -1.04 28.17 -7.62
C MET A 9 0.38 28.61 -7.32
N GLN A 10 0.52 29.83 -6.82
CA GLN A 10 1.79 30.32 -6.34
C GLN A 10 1.84 30.23 -4.82
N ILE A 11 3.05 30.13 -4.30
CA ILE A 11 3.24 30.24 -2.86
CA ILE A 11 3.27 30.25 -2.87
C ILE A 11 3.00 31.67 -2.39
N GLU A 12 3.31 32.65 -3.22
CA GLU A 12 3.16 34.04 -2.85
C GLU A 12 1.70 34.32 -2.49
N GLY A 13 1.45 34.76 -1.24
CA GLY A 13 0.11 35.09 -0.79
C GLY A 13 -0.71 33.92 -0.26
N CYS A 14 -0.17 32.69 -0.29
CA CYS A 14 -0.99 31.55 0.08
C CYS A 14 -1.13 31.43 1.61
N VAL A 15 -2.06 30.57 2.03
CA VAL A 15 -2.20 30.14 3.42
C VAL A 15 -1.84 28.66 3.44
N ALA A 16 -0.75 28.31 4.10
CA ALA A 16 -0.25 26.96 4.10
C ALA A 16 -0.38 26.31 5.47
N CYS A 17 -0.48 24.99 5.48
CA CYS A 17 -0.28 24.20 6.69
C CYS A 17 0.75 23.12 6.36
N VAL A 18 1.75 22.99 7.20
CA VAL A 18 2.78 21.95 7.05
CA VAL A 18 2.73 21.92 7.04
C VAL A 18 2.86 21.18 8.36
N THR A 19 2.75 19.86 8.30
CA THR A 19 2.92 19.04 9.49
C THR A 19 4.39 18.64 9.64
N GLY A 20 4.75 18.25 10.86
CA GLY A 20 6.15 17.99 11.13
C GLY A 20 7.02 19.22 11.02
N ALA A 21 6.52 20.38 11.45
CA ALA A 21 7.23 21.64 11.20
C ALA A 21 8.35 21.93 12.18
N ASP A 22 8.57 21.07 13.18
CA ASP A 22 9.56 21.34 14.24
C ASP A 22 10.97 20.86 13.90
N ARG A 23 11.14 20.02 12.87
CA ARG A 23 12.48 19.55 12.52
C ARG A 23 12.48 19.08 11.08
N GLY A 24 13.70 18.82 10.58
CA GLY A 24 13.87 18.15 9.29
C GLY A 24 13.24 18.89 8.13
N LEU A 25 12.63 18.11 7.23
CA LEU A 25 12.09 18.69 6.01
C LEU A 25 10.96 19.66 6.32
N GLY A 26 10.13 19.34 7.31
CA GLY A 26 9.01 20.23 7.63
C GLY A 26 9.47 21.58 8.14
N ALA A 27 10.51 21.60 8.98
CA ALA A 27 11.06 22.87 9.44
C ALA A 27 11.64 23.67 8.27
N GLY A 28 12.31 22.99 7.34
CA GLY A 28 12.81 23.68 6.16
C GLY A 28 11.69 24.23 5.29
N LEU A 29 10.60 23.48 5.16
CA LEU A 29 9.45 23.94 4.39
C LEU A 29 8.80 25.15 5.03
N LEU A 30 8.65 25.16 6.37
CA LEU A 30 8.11 26.32 7.06
C LEU A 30 8.92 27.56 6.74
N GLU A 31 10.25 27.47 6.88
CA GLU A 31 11.11 28.61 6.63
C GLU A 31 11.00 29.08 5.17
N ALA A 32 11.01 28.14 4.24
CA ALA A 32 10.98 28.54 2.83
C ALA A 32 9.62 29.11 2.44
N LEU A 33 8.53 28.58 3.00
CA LEU A 33 7.21 29.14 2.69
C LEU A 33 7.14 30.60 3.10
N LEU A 34 7.68 30.93 4.27
CA LEU A 34 7.70 32.31 4.72
C LEU A 34 8.56 33.17 3.79
N GLU A 35 9.75 32.68 3.44
CA GLU A 35 10.66 33.46 2.58
C GLU A 35 10.05 33.69 1.21
N ARG A 36 9.26 32.73 0.73
CA ARG A 36 8.66 32.83 -0.59
C ARG A 36 7.30 33.53 -0.59
N GLY A 37 6.84 34.02 0.55
CA GLY A 37 5.72 34.93 0.57
C GLY A 37 4.37 34.35 1.00
N ALA A 38 4.33 33.20 1.65
CA ALA A 38 3.07 32.75 2.22
C ALA A 38 2.58 33.82 3.18
N ARG A 39 1.30 34.16 3.12
CA ARG A 39 0.76 35.18 4.02
C ARG A 39 0.54 34.66 5.44
N LYS A 40 0.40 33.34 5.60
CA LYS A 40 0.17 32.69 6.88
C LYS A 40 0.58 31.23 6.74
N VAL A 41 1.25 30.69 7.74
CA VAL A 41 1.56 29.26 7.78
C VAL A 41 1.11 28.69 9.13
N TYR A 42 0.23 27.71 9.07
CA TYR A 42 -0.12 26.90 10.25
C TYR A 42 0.96 25.84 10.38
N ALA A 43 1.77 25.95 11.43
CA ALA A 43 2.93 25.08 11.62
C ALA A 43 2.51 23.95 12.56
N GLY A 44 2.32 22.76 11.98
CA GLY A 44 1.83 21.65 12.77
C GLY A 44 2.98 21.00 13.48
N VAL A 45 2.84 20.86 14.79
CA VAL A 45 3.87 20.27 15.65
C VAL A 45 3.18 19.48 16.75
N ARG A 46 3.93 18.56 17.33
CA ARG A 46 3.36 17.81 18.46
C ARG A 46 3.49 18.56 19.77
N LYS A 47 4.50 19.43 19.91
CA LYS A 47 4.68 20.24 21.10
C LYS A 47 4.98 21.67 20.66
N LYS A 48 4.05 22.59 20.92
CA LYS A 48 4.19 23.98 20.47
C LYS A 48 5.38 24.70 21.07
N GLY A 55 7.44 34.79 14.36
CA GLY A 55 6.79 35.92 13.72
C GLY A 55 5.28 35.77 13.61
N PRO A 56 4.57 36.87 13.35
CA PRO A 56 3.09 36.81 13.36
C PRO A 56 2.48 36.02 12.20
N ARG A 57 3.19 35.78 11.10
CA ARG A 57 2.66 34.96 10.01
CA ARG A 57 2.68 34.96 10.00
C ARG A 57 2.71 33.47 10.32
N VAL A 58 3.26 33.06 11.46
CA VAL A 58 3.31 31.66 11.85
C VAL A 58 2.28 31.43 12.95
N VAL A 59 1.42 30.45 12.74
CA VAL A 59 0.43 30.03 13.72
C VAL A 59 0.79 28.60 14.14
N PRO A 60 1.44 28.40 15.28
CA PRO A 60 1.70 27.03 15.74
C PRO A 60 0.38 26.34 16.05
N VAL A 61 0.28 25.09 15.63
CA VAL A 61 -0.93 24.28 15.85
CA VAL A 61 -0.92 24.30 15.88
C VAL A 61 -0.50 22.91 16.33
N GLU A 62 -1.09 22.46 17.43
CA GLU A 62 -0.80 21.12 17.96
C GLU A 62 -1.48 20.07 17.09
N ILE A 63 -0.69 19.29 16.34
CA ILE A 63 -1.25 18.22 15.52
C ILE A 63 -0.42 16.95 15.58
N ASP A 64 -0.89 15.97 16.35
CA ASP A 64 -0.54 14.57 16.10
C ASP A 64 -1.49 14.10 15.02
N ILE A 65 -0.94 13.77 13.84
CA ILE A 65 -1.82 13.48 12.70
C ILE A 65 -2.61 12.20 12.89
N THR A 66 -2.25 11.36 13.86
CA THR A 66 -3.02 10.18 14.16
C THR A 66 -4.13 10.43 15.18
N ASN A 67 -4.21 11.63 15.74
CA ASN A 67 -5.22 11.97 16.72
C ASN A 67 -6.32 12.73 15.99
N VAL A 68 -7.47 12.07 15.79
CA VAL A 68 -8.52 12.62 14.93
C VAL A 68 -9.10 13.91 15.50
N GLU A 69 -9.16 14.02 16.83
CA GLU A 69 -9.68 15.23 17.45
C GLU A 69 -8.74 16.42 17.26
N GLN A 70 -7.43 16.21 17.43
CA GLN A 70 -6.48 17.30 17.17
C GLN A 70 -6.51 17.72 15.71
N VAL A 71 -6.63 16.75 14.79
CA VAL A 71 -6.74 17.07 13.38
C VAL A 71 -7.99 17.88 13.10
N ALA A 72 -9.14 17.45 13.65
CA ALA A 72 -10.39 18.18 13.44
C ALA A 72 -10.31 19.60 14.00
N ARG A 73 -9.75 19.77 15.19
CA ARG A 73 -9.63 21.10 15.78
C ARG A 73 -8.75 21.99 14.91
N ALA A 74 -7.65 21.43 14.39
CA ALA A 74 -6.77 22.23 13.54
C ALA A 74 -7.48 22.67 12.27
N ALA A 75 -8.23 21.76 11.63
CA ALA A 75 -8.93 22.12 10.40
C ALA A 75 -10.00 23.17 10.65
N SER A 76 -10.67 23.10 11.81
CA SER A 76 -11.71 24.07 12.12
C SER A 76 -11.15 25.46 12.35
N ARG A 77 -9.85 25.57 12.64
CA ARG A 77 -9.19 26.85 12.85
C ARG A 77 -8.31 27.25 11.65
N ALA A 78 -8.44 26.56 10.52
CA ALA A 78 -7.66 26.81 9.32
C ALA A 78 -8.54 26.86 8.09
N LYS A 79 -9.69 27.54 8.18
CA LYS A 79 -10.64 27.52 7.07
C LYS A 79 -10.19 28.37 5.89
N ASP A 80 -9.13 29.15 6.05
CA ASP A 80 -8.55 29.95 4.98
C ASP A 80 -7.43 29.23 4.21
N ILE A 81 -7.22 27.94 4.48
CA ILE A 81 -6.07 27.24 3.90
C ILE A 81 -6.19 27.13 2.39
N THR A 82 -5.06 27.32 1.70
CA THR A 82 -4.97 27.06 0.27
C THR A 82 -3.86 26.07 -0.08
N LEU A 83 -2.97 25.73 0.84
CA LEU A 83 -1.90 24.78 0.55
C LEU A 83 -1.69 23.88 1.77
N LEU A 84 -1.87 22.56 1.59
CA LEU A 84 -1.56 21.60 2.64
C LEU A 84 -0.37 20.76 2.22
N ILE A 85 0.67 20.72 3.06
CA ILE A 85 1.82 19.84 2.85
C ILE A 85 1.82 18.80 3.96
N ASN A 86 1.46 17.57 3.60
CA ASN A 86 1.48 16.43 4.53
C ASN A 86 2.90 15.89 4.53
N ASN A 87 3.69 16.38 5.49
CA ASN A 87 5.11 16.06 5.61
C ASN A 87 5.42 15.08 6.73
N ALA A 88 4.68 15.11 7.84
CA ALA A 88 4.98 14.19 8.95
C ALA A 88 5.03 12.74 8.47
N GLY A 89 5.99 11.99 9.01
CA GLY A 89 6.13 10.57 8.67
C GLY A 89 6.99 9.86 9.68
N LEU A 90 6.96 8.52 9.60
CA LEU A 90 7.65 7.64 10.53
C LEU A 90 8.26 6.46 9.77
N ASN A 91 9.54 6.18 10.00
CA ASN A 91 10.21 5.02 9.42
C ASN A 91 10.85 4.23 10.57
N ARG A 92 10.27 3.07 10.89
CA ARG A 92 10.80 2.22 11.96
C ARG A 92 11.96 1.34 11.50
N MET A 93 12.22 1.26 10.19
CA MET A 93 13.35 0.51 9.64
CA MET A 93 13.35 0.52 9.65
C MET A 93 13.38 -0.93 10.13
N GLN A 94 12.28 -1.64 9.86
CA GLN A 94 12.19 -3.05 10.19
C GLN A 94 11.63 -3.84 9.00
N PRO A 95 12.10 -5.08 8.81
CA PRO A 95 11.52 -5.97 7.79
C PRO A 95 10.12 -6.41 8.19
N VAL A 96 9.38 -6.95 7.21
CA VAL A 96 8.01 -7.40 7.51
C VAL A 96 7.97 -8.71 8.29
N LEU A 97 8.84 -9.69 8.00
CA LEU A 97 8.68 -11.00 8.65
C LEU A 97 9.43 -11.04 9.97
N GLU A 98 10.75 -10.83 9.93
CA GLU A 98 11.61 -10.92 11.12
C GLU A 98 11.72 -9.59 11.85
N ALA A 99 10.60 -8.89 12.00
CA ALA A 99 10.61 -7.60 12.69
C ALA A 99 10.87 -7.80 14.17
N HIS A 100 11.75 -6.97 14.73
CA HIS A 100 11.96 -7.04 16.17
C HIS A 100 10.70 -6.64 16.92
N ASP A 101 9.99 -5.64 16.42
CA ASP A 101 8.72 -5.21 17.00
C ASP A 101 7.58 -5.68 16.09
N PRO A 102 6.75 -6.64 16.48
CA PRO A 102 5.69 -7.11 15.59
C PRO A 102 4.68 -6.03 15.23
N GLU A 103 4.63 -4.92 15.98
CA GLU A 103 3.69 -3.84 15.70
C GLU A 103 4.34 -2.63 15.06
N ALA A 104 5.63 -2.69 14.69
CA ALA A 104 6.25 -1.57 13.97
C ALA A 104 5.52 -1.29 12.66
N ALA A 105 5.10 -2.33 11.95
CA ALA A 105 4.37 -2.14 10.70
C ALA A 105 3.07 -1.39 10.95
N ARG A 106 2.37 -1.72 12.05
CA ARG A 106 1.12 -1.05 12.37
C ARG A 106 1.37 0.41 12.75
N ALA A 107 2.48 0.68 13.43
CA ALA A 107 2.82 2.05 13.81
C ALA A 107 3.08 2.91 12.57
N GLU A 108 3.87 2.39 11.62
CA GLU A 108 4.13 3.11 10.38
C GLU A 108 2.86 3.33 9.58
N MET A 109 1.99 2.32 9.51
CA MET A 109 0.74 2.48 8.80
C MET A 109 -0.13 3.55 9.46
N GLU A 110 -0.13 3.60 10.80
CA GLU A 110 -0.94 4.59 11.51
C GLU A 110 -0.53 6.00 11.15
N VAL A 111 0.78 6.29 11.11
CA VAL A 111 1.24 7.65 10.81
C VAL A 111 1.14 7.94 9.32
N ASN A 112 1.76 7.08 8.49
CA ASN A 112 1.99 7.48 7.11
C ASN A 112 0.76 7.32 6.25
N TYR A 113 -0.13 6.39 6.58
CA TYR A 113 -1.36 6.17 5.83
C TYR A 113 -2.56 6.75 6.56
N PHE A 114 -2.91 6.22 7.74
CA PHE A 114 -4.10 6.73 8.43
C PHE A 114 -3.97 8.20 8.84
N GLY A 115 -2.78 8.61 9.30
CA GLY A 115 -2.63 10.01 9.71
C GLY A 115 -2.75 10.96 8.54
N THR A 116 -2.08 10.63 7.43
CA THR A 116 -2.20 11.47 6.24
C THR A 116 -3.64 11.47 5.73
N LEU A 117 -4.31 10.31 5.77
CA LEU A 117 -5.71 10.25 5.39
C LEU A 117 -6.57 11.14 6.28
N ASN A 118 -6.33 11.12 7.60
CA ASN A 118 -7.07 12.00 8.51
C ASN A 118 -6.94 13.46 8.10
N MET A 119 -5.72 13.87 7.76
CA MET A 119 -5.46 15.25 7.38
C MET A 119 -6.17 15.58 6.07
N MET A 120 -6.09 14.68 5.08
CA MET A 120 -6.78 14.96 3.82
CA MET A 120 -6.78 14.89 3.80
C MET A 120 -8.29 15.07 4.02
N ARG A 121 -8.89 14.19 4.82
CA ARG A 121 -10.34 14.25 5.03
C ARG A 121 -10.75 15.54 5.74
N ALA A 122 -9.98 15.99 6.73
CA ALA A 122 -10.39 17.13 7.53
C ALA A 122 -10.17 18.48 6.84
N PHE A 123 -9.11 18.59 6.01
CA PHE A 123 -8.74 19.86 5.40
C PHE A 123 -9.27 20.02 3.98
N SER A 124 -9.65 18.93 3.32
N SER A 124 -9.67 18.95 3.31
CA SER A 124 -10.19 19.03 1.96
CA SER A 124 -10.13 19.11 1.94
C SER A 124 -11.40 19.95 1.82
C SER A 124 -11.43 19.94 1.79
N PRO A 125 -12.36 19.98 2.75
CA PRO A 125 -13.50 20.89 2.56
C PRO A 125 -13.10 22.34 2.38
N ALA A 126 -12.18 22.85 3.20
CA ALA A 126 -11.75 24.23 3.05
C ALA A 126 -10.94 24.42 1.76
N LEU A 127 -10.09 23.45 1.41
CA LEU A 127 -9.36 23.53 0.15
C LEU A 127 -10.31 23.58 -1.04
N LYS A 128 -11.38 22.79 -1.01
CA LYS A 128 -12.36 22.86 -2.10
C LYS A 128 -13.04 24.23 -2.15
N SER A 129 -13.27 24.84 -0.99
CA SER A 129 -13.95 26.14 -0.97
CA SER A 129 -13.95 26.14 -0.97
C SER A 129 -13.03 27.24 -1.46
N ASN A 130 -11.75 27.20 -1.08
CA ASN A 130 -10.84 28.30 -1.42
C ASN A 130 -10.12 28.09 -2.74
N GLY A 131 -10.05 26.85 -3.22
CA GLY A 131 -9.09 26.46 -4.23
C GLY A 131 -7.71 26.26 -3.64
N GLY A 132 -6.93 25.36 -4.20
CA GLY A 132 -5.58 25.23 -3.65
C GLY A 132 -4.94 23.90 -4.05
N ALA A 133 -4.10 23.40 -3.16
CA ALA A 133 -3.28 22.24 -3.50
C ALA A 133 -2.91 21.46 -2.25
N ILE A 134 -2.69 20.15 -2.44
CA ILE A 134 -2.15 19.25 -1.43
C ILE A 134 -0.88 18.63 -1.99
N ILE A 135 0.20 18.65 -1.21
CA ILE A 135 1.43 17.92 -1.52
C ILE A 135 1.63 16.88 -0.42
N ASN A 136 1.71 15.60 -0.80
CA ASN A 136 2.00 14.52 0.14
C ASN A 136 3.45 14.10 -0.02
N VAL A 137 4.24 14.21 1.05
CA VAL A 137 5.63 13.75 1.04
C VAL A 137 5.63 12.27 1.33
N LEU A 138 5.93 11.47 0.31
CA LEU A 138 5.87 10.01 0.45
C LEU A 138 7.28 9.47 0.55
N SER A 139 7.70 8.60 -0.37
CA SER A 139 9.04 8.03 -0.41
C SER A 139 9.14 7.27 -1.72
N ILE A 140 10.35 7.18 -2.26
CA ILE A 140 10.56 6.28 -3.39
C ILE A 140 10.16 4.85 -3.01
N LEU A 141 10.25 4.51 -1.71
CA LEU A 141 9.88 3.14 -1.30
C LEU A 141 8.38 2.89 -1.37
N ALA A 142 7.57 3.91 -1.67
CA ALA A 142 6.18 3.63 -2.04
C ALA A 142 6.08 2.76 -3.28
N ARG A 143 7.15 2.69 -4.08
CA ARG A 143 7.12 1.95 -5.33
C ARG A 143 7.84 0.61 -5.30
N VAL A 144 8.71 0.37 -4.32
CA VAL A 144 9.42 -0.91 -4.22
C VAL A 144 9.93 -1.03 -2.80
N ALA A 145 9.88 -2.24 -2.26
CA ALA A 145 10.40 -2.45 -0.91
C ALA A 145 11.93 -2.52 -0.90
N LEU A 146 12.52 -1.97 0.15
CA LEU A 146 13.83 -2.43 0.57
CA LEU A 146 13.83 -2.39 0.60
C LEU A 146 13.60 -3.41 1.70
N PRO A 147 14.22 -4.58 1.68
CA PRO A 147 13.88 -5.60 2.67
C PRO A 147 13.98 -5.14 4.12
N SER A 148 14.99 -4.33 4.47
CA SER A 148 15.16 -3.91 5.86
C SER A 148 14.16 -2.85 6.29
N MET A 149 13.36 -2.31 5.36
CA MET A 149 12.40 -1.25 5.64
C MET A 149 11.09 -1.55 4.93
N ALA A 150 10.72 -2.82 4.83
CA ALA A 150 9.61 -3.15 3.94
C ALA A 150 8.27 -2.69 4.51
N SER A 151 8.13 -2.63 5.83
CA SER A 151 6.88 -2.12 6.38
C SER A 151 6.74 -0.61 6.20
N LEU A 152 7.85 0.14 6.22
CA LEU A 152 7.77 1.55 5.84
C LEU A 152 7.30 1.65 4.39
N SER A 153 7.91 0.84 3.51
CA SER A 153 7.54 0.82 2.11
CA SER A 153 7.54 0.82 2.11
C SER A 153 6.05 0.57 1.93
N ALA A 154 5.53 -0.43 2.62
CA ALA A 154 4.09 -0.74 2.53
C ALA A 154 3.21 0.46 2.93
N SER A 155 3.55 1.13 4.02
CA SER A 155 2.72 2.27 4.44
C SER A 155 2.78 3.42 3.43
N LYS A 156 3.94 3.61 2.79
CA LYS A 156 4.03 4.68 1.80
C LYS A 156 3.35 4.31 0.49
N ALA A 157 3.35 3.03 0.12
CA ALA A 157 2.60 2.57 -1.06
C ALA A 157 1.11 2.75 -0.85
N ALA A 158 0.61 2.41 0.36
CA ALA A 158 -0.78 2.71 0.70
C ALA A 158 -1.07 4.20 0.51
N ALA A 159 -0.18 5.04 1.03
CA ALA A 159 -0.39 6.49 0.92
C ALA A 159 -0.36 6.96 -0.53
N LEU A 160 0.45 6.32 -1.38
CA LEU A 160 0.48 6.69 -2.79
C LEU A 160 -0.83 6.37 -3.51
N ARG A 161 -1.38 5.16 -3.31
CA ARG A 161 -2.69 4.85 -3.89
C ARG A 161 -3.75 5.81 -3.36
N MET A 162 -3.70 6.11 -2.06
CA MET A 162 -4.65 7.06 -1.49
CA MET A 162 -4.61 7.08 -1.46
C MET A 162 -4.51 8.43 -2.14
N THR A 163 -3.27 8.87 -2.40
CA THR A 163 -3.06 10.17 -3.03
C THR A 163 -3.68 10.20 -4.43
N GLU A 164 -3.55 9.08 -5.18
CA GLU A 164 -4.16 8.98 -6.51
C GLU A 164 -5.67 9.07 -6.43
N GLY A 165 -6.29 8.35 -5.48
CA GLY A 165 -7.73 8.43 -5.35
C GLY A 165 -8.19 9.82 -4.98
N ALA A 166 -7.50 10.45 -4.02
CA ALA A 166 -7.85 11.81 -3.62
C ALA A 166 -7.67 12.79 -4.77
N ARG A 167 -6.60 12.62 -5.56
CA ARG A 167 -6.40 13.47 -6.73
C ARG A 167 -7.62 13.43 -7.65
N ALA A 168 -8.13 12.23 -7.93
CA ALA A 168 -9.29 12.13 -8.80
C ALA A 168 -10.53 12.75 -8.15
N GLU A 169 -10.72 12.55 -6.85
CA GLU A 169 -11.91 13.09 -6.20
C GLU A 169 -11.90 14.62 -6.16
N LEU A 170 -10.71 15.22 -6.02
CA LEU A 170 -10.58 16.66 -5.82
C LEU A 170 -10.38 17.43 -7.11
N ALA A 171 -9.94 16.79 -8.18
CA ALA A 171 -9.67 17.49 -9.44
C ALA A 171 -10.83 18.34 -9.94
N PRO A 172 -12.10 17.89 -9.90
CA PRO A 172 -13.20 18.75 -10.36
C PRO A 172 -13.53 19.89 -9.42
N HIS A 173 -12.86 19.98 -8.27
CA HIS A 173 -13.19 20.92 -7.21
C HIS A 173 -12.04 21.87 -6.89
N ARG A 174 -11.21 22.14 -7.89
CA ARG A 174 -10.19 23.20 -7.82
C ARG A 174 -9.08 22.90 -6.82
N VAL A 175 -8.78 21.62 -6.56
CA VAL A 175 -7.69 21.26 -5.66
C VAL A 175 -6.78 20.27 -6.37
N ARG A 176 -5.52 20.68 -6.58
CA ARG A 176 -4.49 19.84 -7.19
C ARG A 176 -3.81 19.00 -6.11
N VAL A 177 -3.53 17.74 -6.41
CA VAL A 177 -2.97 16.80 -5.44
C VAL A 177 -1.72 16.18 -6.04
N ILE A 178 -0.57 16.33 -5.37
CA ILE A 178 0.74 15.96 -5.90
C ILE A 178 1.43 15.06 -4.89
N SER A 179 2.09 13.99 -5.36
CA SER A 179 2.96 13.21 -4.51
CA SER A 179 2.96 13.17 -4.54
C SER A 179 4.41 13.54 -4.82
N VAL A 180 5.23 13.57 -3.78
CA VAL A 180 6.66 13.65 -4.00
CA VAL A 180 6.68 13.76 -3.85
C VAL A 180 7.33 12.48 -3.31
N LEU A 181 8.29 11.90 -4.04
CA LEU A 181 8.86 10.59 -3.70
C LEU A 181 10.37 10.73 -3.56
N PRO A 182 10.88 11.05 -2.37
CA PRO A 182 12.33 11.19 -2.20
C PRO A 182 13.03 9.89 -1.87
N GLY A 183 14.31 9.85 -2.24
CA GLY A 183 15.26 8.96 -1.62
C GLY A 183 15.77 9.57 -0.33
N PRO A 184 16.90 9.09 0.19
CA PRO A 184 17.35 9.55 1.51
C PRO A 184 17.62 11.04 1.56
N ILE A 185 17.16 11.67 2.65
CA ILE A 185 17.36 13.08 2.94
C ILE A 185 18.12 13.15 4.26
N ASP A 186 18.99 14.16 4.40
CA ASP A 186 19.85 14.27 5.58
C ASP A 186 19.09 14.88 6.75
N THR A 187 18.28 14.05 7.43
CA THR A 187 17.54 14.40 8.63
C THR A 187 17.68 13.27 9.65
N GLU A 188 17.09 13.48 10.83
CA GLU A 188 17.18 12.48 11.90
C GLU A 188 16.61 11.14 11.47
N MET A 189 15.57 11.16 10.63
CA MET A 189 14.94 9.91 10.20
C MET A 189 15.95 8.94 9.60
N SER A 190 16.91 9.47 8.86
CA SER A 190 17.88 8.66 8.12
C SER A 190 19.27 8.66 8.75
N ARG A 191 19.38 8.91 10.06
CA ARG A 191 20.68 8.90 10.73
C ARG A 191 21.44 7.60 10.45
N ASN A 192 20.73 6.47 10.38
CA ASN A 192 21.40 5.19 10.22
C ASN A 192 21.51 4.75 8.77
N VAL A 193 20.91 5.48 7.86
CA VAL A 193 21.16 5.28 6.43
C VAL A 193 22.51 5.89 6.10
N PRO A 194 23.43 5.16 5.47
CA PRO A 194 24.74 5.73 5.19
C PRO A 194 24.63 6.80 4.12
N PRO A 195 25.61 7.70 4.02
CA PRO A 195 25.62 8.64 2.89
C PRO A 195 25.54 7.90 1.58
N PRO A 196 25.07 8.53 0.50
CA PRO A 196 24.73 9.95 0.35
C PRO A 196 23.26 10.26 0.65
N LYS A 197 23.02 11.48 1.12
CA LYS A 197 21.68 11.94 1.44
C LYS A 197 21.47 13.32 0.85
N ILE A 198 20.23 13.58 0.41
CA ILE A 198 19.85 14.89 -0.09
C ILE A 198 19.89 15.90 1.06
N ALA A 199 20.48 17.07 0.81
CA ALA A 199 20.43 18.15 1.77
C ALA A 199 18.99 18.63 1.96
N VAL A 200 18.66 19.03 3.19
CA VAL A 200 17.31 19.52 3.49
C VAL A 200 16.91 20.64 2.55
N ARG A 201 17.82 21.60 2.31
CA ARG A 201 17.48 22.73 1.47
C ARG A 201 17.14 22.30 0.05
N GLU A 202 17.90 21.33 -0.50
CA GLU A 202 17.59 20.81 -1.82
CA GLU A 202 17.59 20.79 -1.82
C GLU A 202 16.22 20.13 -1.84
N ALA A 203 15.93 19.34 -0.79
CA ALA A 203 14.64 18.68 -0.69
C ALA A 203 13.50 19.69 -0.60
N VAL A 204 13.69 20.76 0.18
CA VAL A 204 12.69 21.81 0.28
C VAL A 204 12.43 22.42 -1.11
N ASP A 205 13.49 22.73 -1.84
CA ASP A 205 13.33 23.33 -3.17
C ASP A 205 12.56 22.41 -4.08
N ALA A 206 12.84 21.10 -4.01
CA ALA A 206 12.16 20.16 -4.90
C ALA A 206 10.69 20.02 -4.55
N VAL A 207 10.35 19.99 -3.26
CA VAL A 207 8.94 19.92 -2.86
C VAL A 207 8.18 21.13 -3.36
N LEU A 208 8.71 22.33 -3.11
CA LEU A 208 7.94 23.53 -3.45
C LEU A 208 7.90 23.77 -4.95
N ALA A 209 8.95 23.39 -5.67
CA ALA A 209 8.93 23.51 -7.13
C ALA A 209 7.84 22.66 -7.76
N ALA A 210 7.36 21.63 -7.07
CA ALA A 210 6.31 20.79 -7.62
C ALA A 210 5.04 21.58 -7.95
N LEU A 211 4.78 22.68 -7.23
CA LEU A 211 3.58 23.47 -7.54
C LEU A 211 3.67 24.17 -8.88
N GLU A 212 4.88 24.47 -9.35
CA GLU A 212 5.04 25.13 -10.64
C GLU A 212 5.15 24.16 -11.79
N GLY A 213 5.45 22.90 -11.51
CA GLY A 213 5.45 21.89 -12.54
C GLY A 213 4.07 21.29 -12.75
N GLY A 214 3.94 20.53 -13.84
CA GLY A 214 2.70 19.87 -14.16
C GLY A 214 2.63 18.41 -13.79
N ALA A 215 3.71 17.85 -13.24
CA ALA A 215 3.73 16.43 -12.90
C ALA A 215 2.93 16.15 -11.62
N ASP A 216 2.24 15.00 -11.62
CA ASP A 216 1.51 14.54 -10.46
C ASP A 216 2.36 13.70 -9.51
N GLU A 217 3.52 13.21 -9.97
CA GLU A 217 4.51 12.48 -9.18
C GLU A 217 5.85 13.15 -9.41
N VAL A 218 6.55 13.48 -8.34
CA VAL A 218 7.81 14.16 -8.42
C VAL A 218 8.86 13.32 -7.71
N TYR A 219 9.90 12.93 -8.43
CA TYR A 219 10.98 12.12 -7.88
C TYR A 219 12.12 13.04 -7.46
N MET A 220 12.54 12.92 -6.20
CA MET A 220 13.52 13.83 -5.64
CA MET A 220 13.52 13.84 -5.64
C MET A 220 14.85 13.10 -5.47
N GLY A 221 15.87 13.55 -6.19
CA GLY A 221 17.20 13.03 -6.04
C GLY A 221 17.50 11.88 -7.00
N ALA A 222 18.79 11.60 -7.14
CA ALA A 222 19.23 10.68 -8.20
C ALA A 222 18.79 9.25 -7.92
N MET A 223 18.81 8.80 -6.66
CA MET A 223 18.38 7.45 -6.35
C MET A 223 16.93 7.25 -6.75
N ALA A 224 16.07 8.21 -6.38
CA ALA A 224 14.66 8.08 -6.68
C ALA A 224 14.42 8.06 -8.18
N GLN A 225 15.12 8.94 -8.91
CA GLN A 225 14.94 8.98 -10.36
C GLN A 225 15.39 7.69 -11.02
N GLU A 226 16.49 7.11 -10.54
CA GLU A 226 16.99 5.86 -11.11
C GLU A 226 16.04 4.71 -10.81
N ILE A 227 15.49 4.64 -9.60
CA ILE A 227 14.55 3.58 -9.27
CA ILE A 227 14.54 3.59 -9.26
C ILE A 227 13.29 3.70 -10.11
N ALA A 228 12.76 4.92 -10.25
CA ALA A 228 11.57 5.11 -11.08
C ALA A 228 11.83 4.64 -12.50
N GLN A 229 12.97 5.03 -13.07
CA GLN A 229 13.29 4.59 -14.43
C GLN A 229 13.37 3.07 -14.53
N GLY A 230 13.99 2.43 -13.53
CA GLY A 230 14.13 0.99 -13.56
C GLY A 230 12.82 0.24 -13.34
N LEU A 231 11.92 0.80 -12.53
CA LEU A 231 10.63 0.15 -12.32
C LEU A 231 9.76 0.14 -13.57
N ALA A 232 10.00 1.07 -14.51
CA ALA A 232 9.31 1.11 -15.80
C ALA A 232 10.03 0.30 -16.88
N ALA A 233 11.37 0.35 -16.93
CA ALA A 233 12.13 -0.11 -18.08
C ALA A 233 13.10 -1.24 -17.79
N ASP A 234 13.29 -1.63 -16.54
CA ASP A 234 14.27 -2.65 -16.17
C ASP A 234 13.75 -3.37 -14.94
N ARG A 235 12.46 -3.73 -14.95
CA ARG A 235 11.74 -4.02 -13.71
C ARG A 235 12.19 -5.33 -13.08
N GLN A 236 12.31 -6.38 -13.90
CA GLN A 236 12.71 -7.67 -13.37
C GLN A 236 14.12 -7.61 -12.78
N ALA A 237 15.05 -6.95 -13.48
CA ALA A 237 16.41 -6.88 -13.00
C ALA A 237 16.51 -6.01 -11.75
N LEU A 238 15.75 -4.91 -11.70
CA LEU A 238 15.78 -4.06 -10.52
C LEU A 238 15.24 -4.80 -9.30
N HIS A 239 14.15 -5.55 -9.49
CA HIS A 239 13.61 -6.36 -8.41
C HIS A 239 14.65 -7.35 -7.90
N ALA A 240 15.35 -8.02 -8.82
CA ALA A 240 16.37 -8.98 -8.40
C ALA A 240 17.48 -8.28 -7.62
N ARG A 241 17.86 -7.08 -8.04
CA ARG A 241 18.96 -6.38 -7.37
C ARG A 241 18.58 -5.98 -5.95
N LEU A 242 17.34 -5.51 -5.75
CA LEU A 242 16.92 -5.01 -4.44
C LEU A 242 16.47 -6.12 -3.51
N LEU A 243 16.02 -7.25 -4.05
CA LEU A 243 15.34 -8.26 -3.25
C LEU A 243 16.03 -9.61 -3.24
N THR A 244 16.63 -10.04 -4.35
CA THR A 244 17.21 -11.39 -4.43
C THR A 244 18.58 -11.40 -5.10
N MET B 9 7.39 -25.73 -8.22
CA MET B 9 6.91 -26.96 -7.61
C MET B 9 5.60 -27.41 -8.24
N GLN B 10 5.25 -28.67 -8.00
CA GLN B 10 4.06 -29.28 -8.56
C GLN B 10 2.92 -29.23 -7.55
N ILE B 11 1.70 -29.19 -8.06
CA ILE B 11 0.55 -29.41 -7.21
C ILE B 11 0.51 -30.86 -6.71
N GLU B 12 0.89 -31.82 -7.55
CA GLU B 12 0.83 -33.22 -7.16
C GLU B 12 1.59 -33.47 -5.87
N GLY B 13 0.91 -33.99 -4.86
CA GLY B 13 1.57 -34.32 -3.61
C GLY B 13 1.79 -33.16 -2.65
N CYS B 14 1.37 -31.94 -2.99
CA CYS B 14 1.61 -30.84 -2.09
C CYS B 14 0.66 -30.90 -0.90
N VAL B 15 1.02 -30.16 0.15
CA VAL B 15 0.15 -29.94 1.29
C VAL B 15 -0.13 -28.46 1.31
N ALA B 16 -1.36 -28.09 1.00
CA ALA B 16 -1.71 -26.69 0.77
C ALA B 16 -2.56 -26.16 1.90
N CYS B 17 -2.51 -24.83 2.10
CA CYS B 17 -3.49 -24.12 2.89
C CYS B 17 -4.01 -22.98 2.03
N VAL B 18 -5.33 -22.89 1.91
CA VAL B 18 -6.00 -21.82 1.15
CA VAL B 18 -5.96 -21.79 1.17
C VAL B 18 -6.94 -21.11 2.10
N THR B 19 -6.75 -19.82 2.29
CA THR B 19 -7.70 -19.05 3.10
C THR B 19 -8.87 -18.59 2.21
N GLY B 20 -10.01 -18.30 2.86
CA GLY B 20 -11.20 -17.96 2.09
C GLY B 20 -11.69 -19.09 1.22
N ALA B 21 -11.67 -20.31 1.73
CA ALA B 21 -11.92 -21.50 0.93
C ALA B 21 -13.40 -21.83 0.80
N ASP B 22 -14.29 -21.07 1.45
CA ASP B 22 -15.70 -21.41 1.47
C ASP B 22 -16.47 -20.90 0.25
N ARG B 23 -15.93 -19.93 -0.50
CA ARG B 23 -16.67 -19.40 -1.64
C ARG B 23 -15.68 -18.72 -2.58
N GLY B 24 -16.18 -18.31 -3.75
CA GLY B 24 -15.40 -17.51 -4.69
C GLY B 24 -14.13 -18.20 -5.18
N LEU B 25 -13.08 -17.40 -5.33
CA LEU B 25 -11.83 -17.91 -5.87
C LEU B 25 -11.24 -18.99 -4.98
N GLY B 26 -11.35 -18.82 -3.65
CA GLY B 26 -10.78 -19.81 -2.75
C GLY B 26 -11.46 -21.16 -2.82
N ALA B 27 -12.78 -21.19 -2.94
CA ALA B 27 -13.48 -22.46 -3.16
C ALA B 27 -13.02 -23.09 -4.48
N GLY B 28 -12.83 -22.29 -5.52
CA GLY B 28 -12.34 -22.83 -6.78
C GLY B 28 -10.93 -23.40 -6.65
N LEU B 29 -10.07 -22.70 -5.92
CA LEU B 29 -8.71 -23.18 -5.69
C LEU B 29 -8.71 -24.50 -4.92
N LEU B 30 -9.53 -24.61 -3.89
CA LEU B 30 -9.64 -25.86 -3.13
C LEU B 30 -10.02 -27.02 -4.04
N GLU B 31 -11.06 -26.84 -4.87
CA GLU B 31 -11.49 -27.91 -5.75
C GLU B 31 -10.41 -28.29 -6.76
N ALA B 32 -9.70 -27.30 -7.32
CA ALA B 32 -8.70 -27.61 -8.34
C ALA B 32 -7.47 -28.28 -7.73
N LEU B 33 -7.06 -27.84 -6.53
CA LEU B 33 -5.95 -28.50 -5.86
C LEU B 33 -6.24 -29.98 -5.63
N LEU B 34 -7.46 -30.28 -5.21
CA LEU B 34 -7.87 -31.67 -5.01
C LEU B 34 -7.84 -32.45 -6.33
N GLU B 35 -8.41 -31.86 -7.40
CA GLU B 35 -8.49 -32.57 -8.68
C GLU B 35 -7.11 -32.81 -9.26
N ARG B 36 -6.16 -31.93 -8.97
CA ARG B 36 -4.83 -32.00 -9.54
C ARG B 36 -3.86 -32.78 -8.65
N GLY B 37 -4.36 -33.43 -7.60
CA GLY B 37 -3.56 -34.40 -6.89
C GLY B 37 -2.84 -33.89 -5.66
N ALA B 38 -3.30 -32.80 -5.06
CA ALA B 38 -2.74 -32.41 -3.78
C ALA B 38 -2.90 -33.55 -2.79
N ARG B 39 -1.93 -33.71 -1.90
CA ARG B 39 -2.07 -34.71 -0.85
C ARG B 39 -3.11 -34.30 0.19
N LYS B 40 -3.12 -33.01 0.55
CA LYS B 40 -3.98 -32.53 1.63
CA LYS B 40 -3.96 -32.53 1.64
C LYS B 40 -4.16 -31.03 1.45
N VAL B 41 -5.36 -30.54 1.74
CA VAL B 41 -5.62 -29.10 1.73
C VAL B 41 -6.24 -28.69 3.06
N TYR B 42 -5.59 -27.76 3.76
CA TYR B 42 -6.17 -27.08 4.92
C TYR B 42 -7.04 -25.96 4.36
N ALA B 43 -8.35 -26.07 4.53
CA ALA B 43 -9.32 -25.15 3.95
C ALA B 43 -9.68 -24.14 5.02
N GLY B 44 -9.11 -22.94 4.91
CA GLY B 44 -9.38 -21.89 5.89
C GLY B 44 -10.75 -21.29 5.67
N VAL B 45 -11.55 -21.29 6.73
CA VAL B 45 -12.87 -20.66 6.70
C VAL B 45 -13.09 -19.96 8.04
N ARG B 46 -14.05 -19.03 8.06
CA ARG B 46 -14.36 -18.34 9.30
C ARG B 46 -15.39 -19.08 10.12
N LYS B 47 -16.25 -19.85 9.48
CA LYS B 47 -17.20 -20.72 10.14
C LYS B 47 -17.19 -22.04 9.38
N LYS B 48 -16.75 -23.11 10.05
CA LYS B 48 -16.63 -24.40 9.38
C LYS B 48 -17.95 -24.86 8.78
N GLU B 49 -19.07 -24.37 9.29
CA GLU B 49 -20.39 -24.68 8.72
C GLU B 49 -20.56 -24.13 7.30
N CYS B 50 -19.76 -23.14 6.91
CA CYS B 50 -19.85 -22.52 5.60
C CYS B 50 -19.29 -23.37 4.47
N LEU B 51 -18.58 -24.44 4.78
CA LEU B 51 -17.85 -25.20 3.77
C LEU B 51 -18.72 -26.34 3.26
N SER B 52 -18.85 -26.43 1.95
CA SER B 52 -19.67 -27.47 1.33
C SER B 52 -18.89 -28.71 0.95
N ASP B 53 -17.55 -28.66 0.98
CA ASP B 53 -16.69 -29.77 0.58
C ASP B 53 -15.76 -30.08 1.75
N VAL B 54 -16.11 -31.11 2.53
CA VAL B 54 -15.35 -31.51 3.70
C VAL B 54 -14.85 -32.96 3.57
N GLY B 55 -14.86 -33.49 2.35
CA GLY B 55 -14.50 -34.86 2.11
C GLY B 55 -13.02 -35.19 2.29
N PRO B 56 -12.63 -36.37 1.82
CA PRO B 56 -11.24 -36.82 2.00
C PRO B 56 -10.24 -35.84 1.40
N ARG B 57 -9.11 -35.71 2.09
CA ARG B 57 -7.99 -34.81 1.79
C ARG B 57 -8.25 -33.36 2.21
N VAL B 58 -9.44 -33.01 2.71
CA VAL B 58 -9.77 -31.65 3.13
C VAL B 58 -9.78 -31.60 4.64
N VAL B 59 -9.03 -30.67 5.21
CA VAL B 59 -9.03 -30.42 6.63
C VAL B 59 -9.55 -29.00 6.85
N PRO B 60 -10.80 -28.85 7.26
CA PRO B 60 -11.29 -27.49 7.57
C PRO B 60 -10.61 -26.92 8.78
N VAL B 61 -10.19 -25.66 8.68
CA VAL B 61 -9.53 -24.95 9.78
CA VAL B 61 -9.55 -24.95 9.78
C VAL B 61 -10.20 -23.59 9.94
N GLU B 62 -10.57 -23.24 11.16
CA GLU B 62 -11.16 -21.93 11.42
C GLU B 62 -10.08 -20.87 11.40
N ILE B 63 -10.11 -19.97 10.42
CA ILE B 63 -9.12 -18.89 10.33
C ILE B 63 -9.78 -17.58 9.92
N ASP B 64 -9.98 -16.66 10.86
CA ASP B 64 -10.13 -15.25 10.52
C ASP B 64 -8.71 -14.71 10.51
N ILE B 65 -8.23 -14.30 9.34
CA ILE B 65 -6.82 -13.98 9.20
C ILE B 65 -6.40 -12.77 10.02
N THR B 66 -7.37 -11.98 10.51
CA THR B 66 -7.06 -10.84 11.35
C THR B 66 -6.85 -11.24 12.81
N ASN B 67 -7.13 -12.49 13.17
CA ASN B 67 -7.13 -12.96 14.54
C ASN B 67 -5.83 -13.72 14.76
N VAL B 68 -4.89 -13.11 15.49
CA VAL B 68 -3.55 -13.68 15.60
C VAL B 68 -3.57 -15.04 16.29
N GLU B 69 -4.47 -15.24 17.27
CA GLU B 69 -4.58 -16.53 17.94
C GLU B 69 -5.10 -17.62 17.02
N GLN B 70 -6.14 -17.33 16.21
CA GLN B 70 -6.61 -18.35 15.28
C GLN B 70 -5.55 -18.67 14.24
N VAL B 71 -4.81 -17.66 13.79
CA VAL B 71 -3.75 -17.88 12.81
C VAL B 71 -2.66 -18.78 13.41
N ALA B 72 -2.27 -18.51 14.65
CA ALA B 72 -1.25 -19.30 15.30
C ALA B 72 -1.70 -20.74 15.50
N ARG B 73 -2.94 -20.93 15.95
CA ARG B 73 -3.50 -22.28 16.13
C ARG B 73 -3.46 -23.05 14.81
N ALA B 74 -3.85 -22.39 13.72
CA ALA B 74 -3.85 -23.05 12.41
C ALA B 74 -2.43 -23.45 12.01
N ALA B 75 -1.47 -22.52 12.17
CA ALA B 75 -0.10 -22.84 11.77
C ALA B 75 0.44 -24.02 12.58
N SER B 76 0.10 -24.09 13.87
CA SER B 76 0.59 -25.18 14.70
CA SER B 76 0.58 -25.18 14.70
C SER B 76 0.02 -26.52 14.27
N ARG B 77 -1.12 -26.53 13.60
CA ARG B 77 -1.75 -27.76 13.12
C ARG B 77 -1.40 -28.07 11.66
N ALA B 78 -0.56 -27.27 11.03
CA ALA B 78 -0.23 -27.39 9.61
C ALA B 78 1.27 -27.35 9.42
N LYS B 79 2.01 -28.10 10.24
CA LYS B 79 3.47 -28.04 10.16
C LYS B 79 4.02 -28.79 8.95
N ASP B 80 3.16 -29.52 8.23
CA ASP B 80 3.55 -30.22 7.00
C ASP B 80 3.31 -29.39 5.74
N ILE B 81 2.96 -28.11 5.86
CA ILE B 81 2.56 -27.33 4.70
C ILE B 81 3.71 -27.13 3.73
N THR B 82 3.40 -27.24 2.42
CA THR B 82 4.34 -26.83 1.38
C THR B 82 3.82 -25.74 0.45
N LEU B 83 2.54 -25.39 0.51
CA LEU B 83 2.00 -24.34 -0.37
C LEU B 83 0.98 -23.54 0.41
N LEU B 84 1.22 -22.24 0.56
CA LEU B 84 0.24 -21.36 1.20
C LEU B 84 -0.31 -20.42 0.14
N ILE B 85 -1.63 -20.39 -0.02
CA ILE B 85 -2.27 -19.42 -0.92
C ILE B 85 -3.09 -18.47 -0.05
N ASN B 86 -2.59 -17.23 0.08
CA ASN B 86 -3.28 -16.19 0.84
C ASN B 86 -4.31 -15.55 -0.09
N ASN B 87 -5.50 -16.11 -0.06
CA ASN B 87 -6.60 -15.75 -0.95
C ASN B 87 -7.64 -14.86 -0.27
N ALA B 88 -7.89 -15.00 1.03
CA ALA B 88 -8.89 -14.15 1.69
C ALA B 88 -8.64 -12.66 1.45
N GLY B 89 -9.73 -11.92 1.22
CA GLY B 89 -9.62 -10.49 0.99
C GLY B 89 -10.96 -9.84 1.15
N LEU B 90 -10.91 -8.50 1.30
CA LEU B 90 -12.08 -7.66 1.52
C LEU B 90 -11.99 -6.40 0.66
N ASN B 91 -13.06 -6.09 -0.07
CA ASN B 91 -13.15 -4.86 -0.86
C ASN B 91 -14.44 -4.16 -0.48
N ARG B 92 -14.33 -3.08 0.29
CA ARG B 92 -15.50 -2.32 0.70
C ARG B 92 -16.00 -1.35 -0.37
N MET B 93 -15.25 -1.21 -1.46
CA MET B 93 -15.67 -0.39 -2.61
CA MET B 93 -15.69 -0.40 -2.60
C MET B 93 -16.04 1.04 -2.22
N GLN B 94 -15.09 1.69 -1.55
CA GLN B 94 -15.26 3.09 -1.17
C GLN B 94 -14.06 3.96 -1.54
N PRO B 95 -14.32 5.20 -1.92
CA PRO B 95 -13.21 6.15 -2.13
C PRO B 95 -12.55 6.51 -0.81
N VAL B 96 -11.35 7.09 -0.90
CA VAL B 96 -10.63 7.47 0.32
C VAL B 96 -11.24 8.70 0.99
N LEU B 97 -11.71 9.68 0.22
CA LEU B 97 -12.22 10.90 0.83
C LEU B 97 -13.73 10.83 1.07
N GLU B 98 -14.51 10.70 0.00
CA GLU B 98 -15.97 10.71 0.14
C GLU B 98 -16.52 9.33 0.51
N ALA B 99 -15.98 8.71 1.54
CA ALA B 99 -16.41 7.37 1.94
C ALA B 99 -17.69 7.45 2.77
N HIS B 100 -18.65 6.57 2.48
CA HIS B 100 -19.82 6.47 3.34
C HIS B 100 -19.44 5.95 4.72
N ASP B 101 -18.51 4.99 4.79
CA ASP B 101 -18.00 4.41 6.02
C ASP B 101 -16.56 4.87 6.25
N PRO B 102 -16.31 5.81 7.15
CA PRO B 102 -14.93 6.28 7.34
C PRO B 102 -14.01 5.22 7.88
N GLU B 103 -14.53 4.10 8.40
CA GLU B 103 -13.69 3.03 8.93
C GLU B 103 -13.45 1.92 7.92
N ALA B 104 -14.02 2.03 6.71
CA ALA B 104 -13.83 0.98 5.73
C ALA B 104 -12.36 0.82 5.32
N ALA B 105 -11.64 1.94 5.17
CA ALA B 105 -10.23 1.85 4.78
C ALA B 105 -9.44 1.05 5.79
N ARG B 106 -9.70 1.26 7.08
CA ARG B 106 -9.00 0.52 8.12
C ARG B 106 -9.37 -0.96 8.10
N ALA B 107 -10.64 -1.28 7.80
CA ALA B 107 -11.05 -2.69 7.75
C ALA B 107 -10.38 -3.41 6.60
N GLU B 108 -10.30 -2.75 5.42
CA GLU B 108 -9.63 -3.39 4.29
C GLU B 108 -8.14 -3.59 4.57
N MET B 109 -7.49 -2.60 5.19
CA MET B 109 -6.09 -2.75 5.54
C MET B 109 -5.91 -3.89 6.55
N GLU B 110 -6.86 -4.05 7.47
CA GLU B 110 -6.75 -5.11 8.48
C GLU B 110 -6.77 -6.50 7.85
N VAL B 111 -7.62 -6.71 6.84
CA VAL B 111 -7.67 -8.02 6.18
C VAL B 111 -6.52 -8.17 5.22
N ASN B 112 -6.42 -7.24 4.25
CA ASN B 112 -5.59 -7.49 3.07
C ASN B 112 -4.12 -7.29 3.36
N TYR B 113 -3.76 -6.43 4.33
CA TYR B 113 -2.37 -6.23 4.69
C TYR B 113 -2.03 -6.94 6.01
N PHE B 114 -2.65 -6.54 7.14
CA PHE B 114 -2.26 -7.14 8.41
C PHE B 114 -2.62 -8.62 8.49
N GLY B 115 -3.76 -9.01 7.93
CA GLY B 115 -4.14 -10.42 7.96
C GLY B 115 -3.21 -11.28 7.13
N THR B 116 -2.94 -10.86 5.90
CA THR B 116 -1.97 -11.60 5.09
C THR B 116 -0.61 -11.65 5.76
N LEU B 117 -0.19 -10.53 6.39
CA LEU B 117 1.08 -10.51 7.11
C LEU B 117 1.07 -11.50 8.28
N ASN B 118 -0.03 -11.57 9.03
CA ASN B 118 -0.12 -12.54 10.12
C ASN B 118 0.11 -13.95 9.60
N MET B 119 -0.53 -14.28 8.47
CA MET B 119 -0.39 -15.60 7.87
C MET B 119 1.05 -15.85 7.44
N MET B 120 1.69 -14.87 6.78
CA MET B 120 3.07 -15.09 6.37
CA MET B 120 3.09 -15.01 6.37
C MET B 120 3.99 -15.31 7.57
N ARG B 121 3.80 -14.55 8.64
CA ARG B 121 4.66 -14.71 9.80
C ARG B 121 4.47 -16.06 10.46
N ALA B 122 3.21 -16.53 10.57
CA ALA B 122 2.94 -17.75 11.32
C ALA B 122 3.28 -19.01 10.54
N PHE B 123 3.11 -19.00 9.22
CA PHE B 123 3.32 -20.19 8.39
C PHE B 123 4.72 -20.27 7.80
N SER B 124 5.49 -19.18 7.78
CA SER B 124 6.84 -19.24 7.22
CA SER B 124 6.82 -19.27 7.19
C SER B 124 7.76 -20.23 7.91
N PRO B 125 7.73 -20.41 9.24
CA PRO B 125 8.65 -21.40 9.85
C PRO B 125 8.51 -22.78 9.21
N ALA B 126 7.28 -23.25 9.06
CA ALA B 126 7.10 -24.58 8.49
C ALA B 126 7.48 -24.60 7.01
N LEU B 127 7.16 -23.54 6.26
CA LEU B 127 7.54 -23.49 4.84
C LEU B 127 9.06 -23.50 4.68
N LYS B 128 9.78 -22.78 5.54
CA LYS B 128 11.24 -22.85 5.49
C LYS B 128 11.74 -24.26 5.75
N SER B 129 11.13 -24.95 6.71
CA SER B 129 11.57 -26.31 7.05
CA SER B 129 11.57 -26.31 7.05
C SER B 129 11.28 -27.29 5.92
N ASN B 130 10.12 -27.15 5.28
CA ASN B 130 9.69 -28.13 4.29
C ASN B 130 10.12 -27.77 2.88
N GLY B 131 10.48 -26.53 2.63
CA GLY B 131 10.56 -26.05 1.27
C GLY B 131 9.15 -25.77 0.80
N GLY B 132 8.98 -24.80 -0.07
CA GLY B 132 7.64 -24.65 -0.58
C GLY B 132 7.47 -23.27 -1.15
N ALA B 133 6.21 -22.82 -1.15
CA ALA B 133 5.90 -21.60 -1.87
C ALA B 133 4.71 -20.91 -1.23
N ILE B 134 4.69 -19.59 -1.38
CA ILE B 134 3.56 -18.75 -0.99
C ILE B 134 3.06 -18.01 -2.23
N ILE B 135 1.75 -18.03 -2.43
CA ILE B 135 1.10 -17.20 -3.47
C ILE B 135 0.17 -16.25 -2.76
N ASN B 136 0.37 -14.95 -2.98
CA ASN B 136 -0.52 -13.93 -2.41
C ASN B 136 -1.43 -13.41 -3.51
N VAL B 137 -2.75 -13.54 -3.32
CA VAL B 137 -3.72 -13.03 -4.29
C VAL B 137 -3.96 -11.56 -3.98
N LEU B 138 -3.42 -10.69 -4.82
CA LEU B 138 -3.47 -9.24 -4.56
C LEU B 138 -4.54 -8.65 -5.47
N SER B 139 -4.20 -7.69 -6.33
CA SER B 139 -5.14 -7.03 -7.25
C SER B 139 -4.29 -6.18 -8.19
N ILE B 140 -4.75 -6.00 -9.42
CA ILE B 140 -4.12 -4.98 -10.26
C ILE B 140 -4.12 -3.61 -9.59
N LEU B 141 -5.10 -3.35 -8.71
CA LEU B 141 -5.16 -2.07 -8.02
C LEU B 141 -4.05 -1.90 -7.00
N ALA B 142 -3.24 -2.93 -6.75
CA ALA B 142 -1.99 -2.68 -6.03
C ALA B 142 -1.07 -1.72 -6.79
N ARG B 143 -1.24 -1.57 -8.10
CA ARG B 143 -0.38 -0.73 -8.94
C ARG B 143 -0.95 0.66 -9.22
N VAL B 144 -2.26 0.85 -9.12
CA VAL B 144 -2.90 2.13 -9.45
C VAL B 144 -4.27 2.13 -8.79
N ALA B 145 -4.67 3.28 -8.23
CA ALA B 145 -5.99 3.36 -7.63
C ALA B 145 -7.08 3.45 -8.71
N LEU B 146 -8.19 2.76 -8.46
CA LEU B 146 -9.47 3.13 -9.04
C LEU B 146 -10.15 4.02 -8.01
N PRO B 147 -10.51 5.27 -8.35
CA PRO B 147 -10.99 6.21 -7.32
C PRO B 147 -12.15 5.68 -6.51
N SER B 148 -13.07 4.94 -7.13
CA SER B 148 -14.21 4.44 -6.38
C SER B 148 -13.86 3.36 -5.37
N MET B 149 -12.64 2.79 -5.43
CA MET B 149 -12.21 1.71 -4.54
C MET B 149 -10.78 1.98 -4.09
N ALA B 150 -10.46 3.25 -3.83
CA ALA B 150 -9.06 3.60 -3.63
C ALA B 150 -8.52 3.06 -2.32
N SER B 151 -9.38 2.87 -1.30
CA SER B 151 -8.89 2.28 -0.06
C SER B 151 -8.59 0.78 -0.20
N LEU B 152 -9.35 0.07 -1.05
CA LEU B 152 -8.95 -1.30 -1.37
C LEU B 152 -7.60 -1.28 -2.06
N SER B 153 -7.45 -0.37 -3.04
CA SER B 153 -6.20 -0.24 -3.76
CA SER B 153 -6.19 -0.24 -3.75
C SER B 153 -5.03 -0.03 -2.80
N ALA B 154 -5.17 0.90 -1.85
CA ALA B 154 -4.10 1.16 -0.89
C ALA B 154 -3.72 -0.10 -0.10
N SER B 155 -4.73 -0.88 0.32
CA SER B 155 -4.43 -2.08 1.12
C SER B 155 -3.70 -3.12 0.30
N LYS B 156 -4.02 -3.23 -0.99
CA LYS B 156 -3.34 -4.22 -1.86
C LYS B 156 -1.94 -3.76 -2.23
N ALA B 157 -1.72 -2.44 -2.37
CA ALA B 157 -0.37 -1.93 -2.58
C ALA B 157 0.53 -2.18 -1.39
N ALA B 158 -0.01 -1.95 -0.18
CA ALA B 158 0.75 -2.29 1.02
C ALA B 158 1.11 -3.78 1.01
N ALA B 159 0.13 -4.62 0.64
CA ALA B 159 0.40 -6.06 0.59
C ALA B 159 1.45 -6.41 -0.46
N LEU B 160 1.52 -5.67 -1.57
CA LEU B 160 2.53 -5.95 -2.59
C LEU B 160 3.94 -5.61 -2.10
N ARG B 161 4.12 -4.46 -1.43
CA ARG B 161 5.43 -4.16 -0.86
C ARG B 161 5.80 -5.19 0.18
N MET B 162 4.83 -5.60 1.01
CA MET B 162 5.06 -6.65 2.00
CA MET B 162 5.10 -6.62 2.00
C MET B 162 5.54 -7.93 1.34
N THR B 163 4.91 -8.29 0.23
CA THR B 163 5.27 -9.53 -0.47
C THR B 163 6.71 -9.46 -0.99
N GLU B 164 7.11 -8.29 -1.51
CA GLU B 164 8.49 -8.09 -1.95
C GLU B 164 9.47 -8.26 -0.81
N GLY B 165 9.20 -7.64 0.34
CA GLY B 165 10.11 -7.80 1.47
C GLY B 165 10.16 -9.24 1.96
N ALA B 166 9.00 -9.89 2.02
CA ALA B 166 8.98 -11.30 2.43
C ALA B 166 9.75 -12.19 1.46
N ARG B 167 9.63 -11.93 0.15
CA ARG B 167 10.40 -12.69 -0.84
C ARG B 167 11.89 -12.59 -0.54
N ALA B 168 12.37 -11.38 -0.24
CA ALA B 168 13.79 -11.23 0.06
C ALA B 168 14.19 -11.99 1.32
N GLU B 169 13.35 -11.93 2.35
CA GLU B 169 13.72 -12.62 3.59
C GLU B 169 13.69 -14.13 3.44
N LEU B 170 12.81 -14.65 2.57
CA LEU B 170 12.63 -16.09 2.43
C LEU B 170 13.46 -16.72 1.32
N ALA B 171 13.97 -15.92 0.37
CA ALA B 171 14.79 -16.46 -0.71
C ALA B 171 15.97 -17.31 -0.24
N PRO B 172 16.73 -16.95 0.80
CA PRO B 172 17.85 -17.82 1.23
C PRO B 172 17.40 -19.14 1.84
N HIS B 173 16.10 -19.28 2.11
CA HIS B 173 15.54 -20.47 2.74
C HIS B 173 14.68 -21.28 1.77
N ARG B 174 14.84 -21.03 0.47
CA ARG B 174 14.19 -21.85 -0.56
C ARG B 174 12.67 -21.87 -0.42
N VAL B 175 12.08 -20.72 -0.12
CA VAL B 175 10.64 -20.55 -0.18
C VAL B 175 10.37 -19.50 -1.23
N ARG B 176 9.70 -19.90 -2.31
CA ARG B 176 9.32 -18.96 -3.37
C ARG B 176 8.11 -18.15 -2.95
N VAL B 177 8.08 -16.87 -3.34
CA VAL B 177 6.98 -15.98 -2.96
C VAL B 177 6.47 -15.26 -4.21
N ILE B 178 5.22 -15.51 -4.58
CA ILE B 178 4.64 -14.99 -5.82
C ILE B 178 3.46 -14.08 -5.50
N SER B 179 3.34 -12.95 -6.21
CA SER B 179 2.14 -12.11 -6.19
CA SER B 179 2.13 -12.16 -6.16
C SER B 179 1.36 -12.34 -7.46
N VAL B 180 0.04 -12.51 -7.35
CA VAL B 180 -0.86 -12.57 -8.48
CA VAL B 180 -0.84 -12.55 -8.50
C VAL B 180 -1.75 -11.33 -8.41
N LEU B 181 -1.88 -10.62 -9.52
CA LEU B 181 -2.57 -9.33 -9.58
C LEU B 181 -3.71 -9.41 -10.59
N PRO B 182 -4.92 -9.77 -10.16
CA PRO B 182 -6.05 -9.86 -11.11
C PRO B 182 -6.82 -8.57 -11.26
N GLY B 183 -7.46 -8.43 -12.44
CA GLY B 183 -8.58 -7.54 -12.61
C GLY B 183 -9.84 -8.22 -12.11
N PRO B 184 -11.01 -7.66 -12.45
CA PRO B 184 -12.27 -8.18 -11.90
C PRO B 184 -12.51 -9.65 -12.21
N ILE B 185 -12.93 -10.38 -11.18
CA ILE B 185 -13.28 -11.80 -11.25
C ILE B 185 -14.76 -11.92 -10.89
N ASP B 186 -15.47 -12.85 -11.53
CA ASP B 186 -16.92 -12.98 -11.35
C ASP B 186 -17.26 -13.75 -10.07
N THR B 187 -17.17 -13.05 -8.94
CA THR B 187 -17.50 -13.56 -7.61
C THR B 187 -18.40 -12.54 -6.90
N GLU B 188 -18.83 -12.89 -5.68
CA GLU B 188 -19.69 -11.99 -4.91
C GLU B 188 -19.01 -10.66 -4.62
N MET B 189 -17.68 -10.66 -4.51
CA MET B 189 -16.96 -9.41 -4.24
C MET B 189 -17.24 -8.36 -5.30
N SER B 190 -17.41 -8.80 -6.55
CA SER B 190 -17.60 -7.90 -7.68
CA SER B 190 -17.59 -7.91 -7.70
C SER B 190 -19.04 -7.86 -8.18
N ARG B 191 -20.00 -8.18 -7.32
CA ARG B 191 -21.41 -8.17 -7.71
C ARG B 191 -21.82 -6.85 -8.36
N ASN B 192 -21.25 -5.73 -7.93
CA ASN B 192 -21.63 -4.43 -8.45
C ASN B 192 -20.75 -3.96 -9.60
N VAL B 193 -19.71 -4.72 -9.95
CA VAL B 193 -18.79 -4.36 -11.03
C VAL B 193 -19.40 -4.91 -12.32
N PRO B 194 -19.59 -4.10 -13.35
CA PRO B 194 -20.21 -4.61 -14.58
CA PRO B 194 -20.21 -4.61 -14.57
C PRO B 194 -19.31 -5.62 -15.25
N PRO B 195 -19.88 -6.59 -15.97
CA PRO B 195 -19.08 -7.46 -16.82
C PRO B 195 -18.41 -6.65 -17.90
N PRO B 196 -17.33 -7.15 -18.52
CA PRO B 196 -16.76 -8.50 -18.41
C PRO B 196 -15.90 -8.71 -17.18
N LYS B 197 -16.08 -9.87 -16.56
CA LYS B 197 -15.27 -10.29 -15.43
C LYS B 197 -14.69 -11.67 -15.72
N ILE B 198 -13.49 -11.93 -15.19
CA ILE B 198 -12.83 -13.21 -15.36
C ILE B 198 -13.63 -14.30 -14.68
N ALA B 199 -13.84 -15.42 -15.38
CA ALA B 199 -14.55 -16.55 -14.78
C ALA B 199 -13.68 -17.17 -13.68
N VAL B 200 -14.34 -17.66 -12.62
CA VAL B 200 -13.59 -18.26 -11.52
C VAL B 200 -12.69 -19.39 -12.03
N ARG B 201 -13.18 -20.22 -12.95
CA ARG B 201 -12.36 -21.34 -13.42
C ARG B 201 -11.08 -20.84 -14.07
N GLU B 202 -11.18 -19.78 -14.87
CA GLU B 202 -9.99 -19.21 -15.51
C GLU B 202 -9.06 -18.59 -14.49
N ALA B 203 -9.61 -17.92 -13.47
CA ALA B 203 -8.76 -17.33 -12.45
C ALA B 203 -8.04 -18.39 -11.64
N VAL B 204 -8.73 -19.47 -11.28
CA VAL B 204 -8.10 -20.59 -10.58
C VAL B 204 -6.93 -21.12 -11.39
N ASP B 205 -7.14 -21.34 -12.69
CA ASP B 205 -6.08 -21.88 -13.53
C ASP B 205 -4.87 -20.96 -13.54
N ALA B 206 -5.11 -19.65 -13.59
CA ALA B 206 -4.01 -18.69 -13.67
C ALA B 206 -3.24 -18.61 -12.37
N VAL B 207 -3.92 -18.69 -11.22
CA VAL B 207 -3.22 -18.70 -9.93
C VAL B 207 -2.30 -19.90 -9.86
N LEU B 208 -2.82 -21.09 -10.14
CA LEU B 208 -2.02 -22.31 -9.99
C LEU B 208 -0.90 -22.37 -11.04
N ALA B 209 -1.14 -21.84 -12.25
CA ALA B 209 -0.11 -21.85 -13.29
C ALA B 209 1.09 -20.99 -12.91
N ALA B 210 0.92 -20.03 -11.98
CA ALA B 210 2.04 -19.18 -11.59
C ALA B 210 3.18 -19.98 -11.00
N LEU B 211 2.90 -21.15 -10.40
CA LEU B 211 3.96 -22.00 -9.86
C LEU B 211 4.88 -22.55 -10.95
N GLU B 212 4.39 -22.65 -12.18
CA GLU B 212 5.18 -23.21 -13.27
C GLU B 212 5.95 -22.16 -14.05
N GLY B 213 5.66 -20.87 -13.84
CA GLY B 213 6.37 -19.81 -14.52
C GLY B 213 7.50 -19.26 -13.65
N GLY B 214 8.30 -18.39 -14.26
CA GLY B 214 9.44 -17.83 -13.56
C GLY B 214 9.16 -16.48 -12.93
N ALA B 215 8.04 -15.85 -13.28
CA ALA B 215 7.74 -14.51 -12.81
C ALA B 215 7.19 -14.53 -11.39
N ASP B 216 7.62 -13.55 -10.60
CA ASP B 216 7.09 -13.39 -9.25
C ASP B 216 6.06 -12.28 -9.15
N GLU B 217 5.76 -11.62 -10.25
CA GLU B 217 4.67 -10.65 -10.34
C GLU B 217 3.85 -11.08 -11.54
N VAL B 218 2.68 -11.67 -11.30
CA VAL B 218 1.89 -12.33 -12.33
C VAL B 218 0.59 -11.57 -12.52
N TYR B 219 0.33 -11.11 -13.73
CA TYR B 219 -0.87 -10.33 -14.05
C TYR B 219 -1.91 -11.27 -14.63
N MET B 220 -3.14 -11.21 -14.11
CA MET B 220 -4.20 -12.13 -14.52
CA MET B 220 -4.19 -12.13 -14.51
C MET B 220 -5.28 -11.36 -15.26
N GLY B 221 -5.48 -11.70 -16.54
CA GLY B 221 -6.55 -11.12 -17.33
C GLY B 221 -6.11 -9.91 -18.14
N ALA B 222 -6.98 -9.53 -19.07
CA ALA B 222 -6.66 -8.46 -20.01
C ALA B 222 -6.50 -7.11 -19.32
N MET B 223 -7.42 -6.75 -18.41
CA MET B 223 -7.31 -5.45 -17.75
C MET B 223 -5.97 -5.32 -17.02
N ALA B 224 -5.60 -6.35 -16.26
CA ALA B 224 -4.36 -6.31 -15.49
C ALA B 224 -3.15 -6.21 -16.41
N GLN B 225 -3.14 -7.00 -17.48
CA GLN B 225 -2.05 -6.90 -18.46
C GLN B 225 -1.96 -5.50 -19.04
N GLU B 226 -3.10 -4.95 -19.47
CA GLU B 226 -3.09 -3.62 -20.08
C GLU B 226 -2.57 -2.54 -19.13
N ILE B 227 -2.97 -2.61 -17.85
CA ILE B 227 -2.49 -1.62 -16.88
CA ILE B 227 -2.49 -1.62 -16.87
C ILE B 227 -0.99 -1.76 -16.66
N ALA B 228 -0.51 -3.00 -16.48
CA ALA B 228 0.92 -3.19 -16.28
C ALA B 228 1.74 -2.71 -17.48
N GLN B 229 1.30 -3.03 -18.69
CA GLN B 229 2.02 -2.61 -19.88
C GLN B 229 1.98 -1.09 -20.03
N GLY B 230 0.84 -0.49 -19.73
CA GLY B 230 0.72 0.96 -19.85
C GLY B 230 1.53 1.72 -18.81
N LEU B 231 1.58 1.20 -17.58
CA LEU B 231 2.41 1.80 -16.55
C LEU B 231 3.89 1.74 -16.92
N ALA B 232 4.32 0.64 -17.53
CA ALA B 232 5.71 0.54 -17.97
C ALA B 232 5.98 1.47 -19.14
N ALA B 233 5.08 1.52 -20.13
CA ALA B 233 5.37 2.25 -21.36
C ALA B 233 5.23 3.76 -21.17
N ASP B 234 4.23 4.21 -20.43
CA ASP B 234 3.99 5.64 -20.25
C ASP B 234 3.14 5.86 -19.02
N ARG B 235 3.81 5.86 -17.87
CA ARG B 235 3.13 5.98 -16.58
C ARG B 235 2.31 7.26 -16.51
N GLN B 236 2.89 8.39 -16.93
CA GLN B 236 2.24 9.68 -16.74
C GLN B 236 0.97 9.78 -17.59
N ALA B 237 1.02 9.30 -18.83
CA ALA B 237 -0.15 9.39 -19.70
C ALA B 237 -1.29 8.54 -19.16
N LEU B 238 -0.96 7.35 -18.65
CA LEU B 238 -2.00 6.48 -18.13
C LEU B 238 -2.63 7.06 -16.88
N HIS B 239 -1.81 7.59 -15.97
CA HIS B 239 -2.35 8.27 -14.80
C HIS B 239 -3.29 9.40 -15.16
N ALA B 240 -2.88 10.27 -16.10
CA ALA B 240 -3.71 11.42 -16.42
C ALA B 240 -5.06 10.98 -16.97
N ARG B 241 -5.06 9.89 -17.74
CA ARG B 241 -6.31 9.36 -18.28
C ARG B 241 -7.17 8.74 -17.19
N LEU B 242 -6.59 7.86 -16.37
CA LEU B 242 -7.34 7.08 -15.39
C LEU B 242 -7.78 7.88 -14.17
N LEU B 243 -7.09 8.97 -13.83
CA LEU B 243 -7.35 9.67 -12.57
C LEU B 243 -7.91 11.08 -12.76
N THR B 244 -8.34 11.44 -13.96
CA THR B 244 -9.01 12.73 -14.17
C THR B 244 -10.45 12.49 -14.58
N PRO B 245 -11.43 12.71 -13.71
CA PRO B 245 -12.86 12.52 -14.01
C PRO B 245 -13.37 13.53 -15.04
#